data_1NH7
#
_entry.id   1NH7
#
_cell.length_a   132.540
_cell.length_b   132.540
_cell.length_c   110.500
_cell.angle_alpha   90.00
_cell.angle_beta   90.00
_cell.angle_gamma   120.00
#
_symmetry.space_group_name_H-M   'H 3 2'
#
loop_
_entity.id
_entity.type
_entity.pdbx_description
1 polymer 'ATP Phosphoribosyltransferase'
2 non-polymer 'SULFATE ION'
3 non-polymer 'MAGNESIUM ION'
4 water water
#
_entity_poly.entity_id   1
_entity_poly.type   'polypeptide(L)'
_entity_poly.pdbx_seq_one_letter_code
;HSGRPVLGSSHHHHHHSSGMMLRVAVPNKGALSEPATEILAEAGYRRRTDSKDLTVIDPVNNVEFFFLRPKDIAIYVGSG
ELDFGITGRDLVCDSGAQVRERLALGFGSSSFRYAAPAGRNWTTADLAGMRIATAYPNLVRKDLATKGIEATVIRLDGAV
EISVQLGVADAIADVVGSGRTLSQHDLVAFGEPLCDSEAVLIERAGTDGQDQTEARDQLVARVQGVVFGQQYLMLDYDCP
RSALKKATAITPGLESPTIAPLADPDWVAIRALVPRRDVNGIMDELAAIGAKAILASDIRFCRF
;
_entity_poly.pdbx_strand_id   A
#
loop_
_chem_comp.id
_chem_comp.type
_chem_comp.name
_chem_comp.formula
MG non-polymer 'MAGNESIUM ION' 'Mg 2'
SO4 non-polymer 'SULFATE ION' 'O4 S -2'
#
# COMPACT_ATOMS: atom_id res chain seq x y z
N MET A 21 -23.23 5.31 -13.95
CA MET A 21 -22.64 3.89 -13.75
C MET A 21 -21.11 3.84 -13.80
N LEU A 22 -20.52 4.10 -12.67
CA LEU A 22 -19.12 3.90 -12.57
C LEU A 22 -18.58 2.50 -13.06
N ARG A 23 -17.58 2.48 -13.92
CA ARG A 23 -17.06 1.20 -14.25
C ARG A 23 -15.79 1.05 -13.46
N VAL A 24 -15.71 0.00 -12.61
CA VAL A 24 -14.50 -0.28 -11.77
C VAL A 24 -13.85 -1.73 -11.96
N ALA A 25 -12.55 -1.76 -12.22
CA ALA A 25 -11.75 -3.04 -12.39
C ALA A 25 -11.03 -3.50 -11.13
N VAL A 26 -11.00 -4.80 -10.94
CA VAL A 26 -10.54 -5.38 -9.70
C VAL A 26 -9.72 -6.60 -10.08
N PRO A 27 -8.63 -6.87 -9.36
CA PRO A 27 -7.81 -8.03 -9.75
C PRO A 27 -8.64 -9.30 -9.75
N ASN A 28 -8.59 -10.01 -10.87
CA ASN A 28 -9.42 -11.19 -10.96
C ASN A 28 -8.78 -12.34 -10.12
N LYS A 29 -7.44 -12.31 -10.02
CA LYS A 29 -6.66 -13.31 -9.39
C LYS A 29 -5.31 -12.79 -8.88
N GLY A 30 -4.64 -13.64 -8.07
CA GLY A 30 -3.39 -13.35 -7.42
C GLY A 30 -3.44 -12.70 -6.07
N ALA A 31 -2.31 -12.31 -5.53
CA ALA A 31 -2.28 -11.71 -4.30
C ALA A 31 -3.06 -10.48 -4.10
N LEU A 32 -3.49 -9.72 -5.06
CA LEU A 32 -4.25 -8.52 -4.72
C LEU A 32 -5.68 -8.64 -4.84
N SER A 33 -6.15 -9.83 -5.24
CA SER A 33 -7.52 -10.15 -5.36
C SER A 33 -8.48 -10.25 -4.08
N GLU A 34 -8.31 -11.25 -3.20
CA GLU A 34 -9.12 -11.47 -1.97
C GLU A 34 -9.14 -10.21 -1.14
N PRO A 35 -8.00 -9.64 -0.87
CA PRO A 35 -8.09 -8.41 -0.19
C PRO A 35 -8.78 -7.36 -0.94
N ALA A 36 -8.65 -7.17 -2.22
CA ALA A 36 -9.42 -6.04 -2.82
C ALA A 36 -10.96 -6.31 -2.90
N THR A 37 -11.33 -7.55 -2.97
CA THR A 37 -12.70 -7.95 -3.12
C THR A 37 -13.37 -7.78 -1.78
N GLU A 38 -12.57 -7.89 -0.72
CA GLU A 38 -13.10 -7.78 0.58
C GLU A 38 -13.36 -6.31 0.98
N ILE A 39 -12.41 -5.46 0.59
CA ILE A 39 -12.61 -4.12 0.84
C ILE A 39 -13.90 -3.69 0.23
N LEU A 40 -14.13 -3.94 -1.05
CA LEU A 40 -15.38 -3.46 -1.68
C LEU A 40 -16.60 -4.17 -1.08
N ALA A 41 -16.45 -5.37 -0.49
CA ALA A 41 -17.70 -5.92 0.08
C ALA A 41 -18.03 -5.25 1.38
N GLU A 42 -16.97 -5.05 2.13
CA GLU A 42 -16.98 -4.24 3.29
C GLU A 42 -17.63 -2.85 3.03
N ALA A 43 -17.62 -2.32 1.81
CA ALA A 43 -18.24 -1.03 1.54
C ALA A 43 -19.69 -1.10 1.01
N GLY A 44 -20.31 -2.27 0.94
CA GLY A 44 -21.69 -2.41 0.58
C GLY A 44 -21.77 -2.57 -0.90
N TYR A 45 -20.69 -2.83 -1.65
CA TYR A 45 -20.96 -3.26 -3.05
C TYR A 45 -21.26 -4.80 -3.28
N ARG A 46 -22.11 -5.22 -4.21
CA ARG A 46 -22.18 -6.64 -4.59
C ARG A 46 -20.90 -7.29 -5.04
N ARG A 47 -20.76 -8.52 -4.63
CA ARG A 47 -19.74 -9.43 -5.02
C ARG A 47 -20.18 -10.11 -6.28
N ARG A 48 -19.26 -10.74 -7.00
CA ARG A 48 -19.62 -11.42 -8.23
C ARG A 48 -20.30 -12.62 -7.79
N THR A 49 -21.26 -13.22 -8.52
CA THR A 49 -22.08 -14.25 -7.93
C THR A 49 -21.59 -15.65 -8.19
N ASP A 50 -20.36 -15.64 -8.73
CA ASP A 50 -19.56 -16.80 -9.06
C ASP A 50 -18.15 -16.39 -9.29
N SER A 51 -17.26 -17.35 -9.10
CA SER A 51 -15.84 -17.03 -9.18
C SER A 51 -15.30 -17.13 -10.50
N LYS A 52 -15.95 -17.83 -11.42
CA LYS A 52 -15.52 -17.72 -12.75
C LYS A 52 -16.08 -16.44 -13.43
N ASP A 53 -16.76 -15.55 -12.78
CA ASP A 53 -17.30 -14.45 -13.55
C ASP A 53 -16.26 -13.40 -13.49
N LEU A 54 -16.15 -12.51 -14.50
CA LEU A 54 -15.21 -11.35 -14.63
C LEU A 54 -15.94 -10.01 -14.68
N THR A 55 -17.19 -10.10 -14.29
CA THR A 55 -18.13 -8.95 -14.18
C THR A 55 -19.33 -9.09 -13.20
N VAL A 56 -19.71 -8.02 -12.53
CA VAL A 56 -20.93 -7.97 -11.83
C VAL A 56 -21.39 -6.54 -11.92
N ILE A 57 -22.69 -6.28 -12.07
CA ILE A 57 -23.08 -4.93 -11.79
C ILE A 57 -23.86 -4.83 -10.46
N ASP A 58 -23.63 -3.78 -9.64
CA ASP A 58 -24.47 -3.45 -8.44
C ASP A 58 -25.64 -2.47 -8.73
N PRO A 59 -26.81 -2.96 -8.87
CA PRO A 59 -27.93 -2.08 -9.23
C PRO A 59 -28.13 -1.00 -8.16
N VAL A 60 -27.99 -1.35 -6.93
CA VAL A 60 -28.13 -0.35 -5.95
C VAL A 60 -27.18 0.81 -6.01
N ASN A 61 -25.90 0.54 -6.03
CA ASN A 61 -24.84 1.58 -5.98
C ASN A 61 -24.45 2.18 -7.24
N ASN A 62 -25.13 1.76 -8.27
CA ASN A 62 -24.74 2.06 -9.61
C ASN A 62 -23.37 1.89 -10.05
N VAL A 63 -22.79 0.74 -9.76
CA VAL A 63 -21.54 0.46 -10.35
C VAL A 63 -21.39 -0.85 -11.08
N GLU A 64 -20.57 -0.81 -12.08
CA GLU A 64 -20.25 -1.97 -12.83
C GLU A 64 -18.80 -2.31 -12.57
N PHE A 65 -18.62 -3.36 -11.82
CA PHE A 65 -17.30 -3.95 -11.68
C PHE A 65 -16.76 -4.87 -12.83
N PHE A 66 -15.46 -4.77 -13.13
CA PHE A 66 -14.79 -5.77 -14.04
C PHE A 66 -13.58 -6.42 -13.37
N PHE A 67 -13.23 -7.64 -13.75
CA PHE A 67 -12.24 -8.40 -12.97
C PHE A 67 -11.25 -8.78 -14.01
N LEU A 68 -10.09 -8.15 -13.85
CA LEU A 68 -8.98 -8.16 -14.68
C LEU A 68 -7.71 -8.48 -13.85
N ARG A 69 -6.76 -8.91 -14.62
CA ARG A 69 -5.44 -9.18 -14.20
C ARG A 69 -4.85 -7.83 -14.00
N PRO A 70 -4.22 -7.68 -12.86
CA PRO A 70 -3.72 -6.41 -12.39
C PRO A 70 -2.96 -5.62 -13.51
N LYS A 71 -2.23 -6.29 -14.34
CA LYS A 71 -1.52 -5.37 -15.20
C LYS A 71 -2.37 -4.87 -16.33
N ASP A 72 -3.50 -5.45 -16.64
CA ASP A 72 -4.27 -4.84 -17.70
C ASP A 72 -5.14 -3.64 -17.09
N ILE A 73 -5.15 -3.57 -15.74
CA ILE A 73 -5.87 -2.54 -14.97
C ILE A 73 -5.35 -1.11 -15.24
N ALA A 74 -4.06 -0.83 -15.11
CA ALA A 74 -3.63 0.56 -15.35
C ALA A 74 -3.91 1.07 -16.73
N ILE A 75 -3.61 0.30 -17.71
CA ILE A 75 -3.86 0.62 -19.03
C ILE A 75 -5.28 0.97 -19.30
N TYR A 76 -6.23 0.20 -18.83
CA TYR A 76 -7.56 0.52 -19.20
C TYR A 76 -8.07 1.68 -18.27
N VAL A 77 -7.31 2.10 -17.27
CA VAL A 77 -7.79 3.29 -16.62
C VAL A 77 -7.21 4.45 -17.37
N GLY A 78 -6.16 4.17 -18.17
CA GLY A 78 -5.60 5.29 -18.84
C GLY A 78 -6.30 5.63 -20.13
N SER A 79 -6.84 4.64 -20.82
CA SER A 79 -7.48 4.88 -22.08
C SER A 79 -8.99 5.29 -21.81
N GLY A 80 -9.35 5.37 -20.56
CA GLY A 80 -10.71 5.80 -20.34
C GLY A 80 -11.83 4.79 -20.39
N GLU A 81 -11.53 3.51 -20.63
CA GLU A 81 -12.54 2.42 -20.61
C GLU A 81 -12.88 2.01 -19.13
N LEU A 82 -12.27 2.65 -18.18
CA LEU A 82 -12.57 2.35 -16.81
C LEU A 82 -12.35 3.65 -15.98
N ASP A 83 -13.31 3.90 -15.10
CA ASP A 83 -13.27 5.01 -14.20
C ASP A 83 -12.30 4.77 -13.10
N PHE A 84 -12.26 3.59 -12.51
CA PHE A 84 -11.28 3.37 -11.42
C PHE A 84 -10.68 1.98 -11.50
N GLY A 85 -9.53 1.75 -10.84
CA GLY A 85 -9.02 0.44 -10.79
C GLY A 85 -8.30 0.19 -9.49
N ILE A 86 -8.14 -1.08 -9.16
CA ILE A 86 -7.31 -1.45 -8.08
C ILE A 86 -6.10 -2.27 -8.64
N THR A 87 -4.85 -1.80 -8.44
CA THR A 87 -3.63 -2.57 -8.69
C THR A 87 -2.65 -2.23 -7.71
N GLY A 88 -1.46 -2.78 -7.97
CA GLY A 88 -0.35 -2.61 -7.09
C GLY A 88 0.40 -1.44 -7.68
N ARG A 89 1.10 -0.71 -6.79
CA ARG A 89 1.84 0.47 -7.11
C ARG A 89 3.11 0.23 -8.02
N ASP A 90 3.63 -0.94 -7.90
CA ASP A 90 4.71 -1.33 -8.71
C ASP A 90 4.22 -1.44 -10.13
N LEU A 91 3.08 -2.14 -10.31
CA LEU A 91 2.49 -2.04 -11.68
C LEU A 91 2.33 -0.65 -12.23
N VAL A 92 1.86 0.30 -11.48
CA VAL A 92 1.64 1.57 -12.04
C VAL A 92 2.95 2.16 -12.10
N CYS A 93 3.79 2.01 -11.09
CA CYS A 93 5.04 2.70 -11.24
C CYS A 93 5.58 2.14 -12.55
N ASP A 94 5.08 1.05 -13.10
CA ASP A 94 5.79 0.46 -14.26
C ASP A 94 5.01 0.52 -15.58
N SER A 95 3.73 0.83 -15.53
CA SER A 95 2.85 0.88 -16.64
C SER A 95 3.16 1.97 -17.65
N GLY A 96 3.57 3.18 -17.22
CA GLY A 96 3.55 4.14 -18.30
C GLY A 96 2.14 4.70 -18.73
N ALA A 97 1.02 4.19 -18.22
CA ALA A 97 -0.30 4.74 -18.50
C ALA A 97 -0.60 6.08 -17.89
N GLN A 98 -1.55 6.84 -18.44
CA GLN A 98 -1.93 8.08 -17.83
C GLN A 98 -2.85 7.89 -16.71
N VAL A 99 -2.34 7.65 -15.54
CA VAL A 99 -3.26 7.39 -14.40
C VAL A 99 -2.81 8.01 -13.06
N ARG A 100 -3.60 8.24 -12.04
CA ARG A 100 -2.98 8.70 -10.78
C ARG A 100 -3.48 8.02 -9.54
N GLU A 101 -2.62 7.76 -8.58
CA GLU A 101 -3.09 7.19 -7.35
C GLU A 101 -4.10 8.10 -6.69
N ARG A 102 -5.25 7.64 -6.26
CA ARG A 102 -6.20 8.47 -5.60
C ARG A 102 -6.30 7.93 -4.20
N LEU A 103 -5.66 6.79 -3.87
CA LEU A 103 -5.81 6.19 -2.54
C LEU A 103 -4.89 5.09 -2.23
N ALA A 104 -4.20 5.11 -1.12
CA ALA A 104 -3.35 4.02 -0.74
C ALA A 104 -4.21 2.98 -0.01
N LEU A 105 -4.24 1.77 -0.51
CA LEU A 105 -5.17 0.80 0.07
C LEU A 105 -4.63 0.06 1.26
N GLY A 106 -3.39 0.26 1.71
CA GLY A 106 -2.98 -0.51 2.89
C GLY A 106 -2.69 -2.05 2.78
N PHE A 107 -2.76 -2.71 1.66
CA PHE A 107 -2.38 -4.06 1.67
C PHE A 107 -1.38 -4.25 0.48
N GLY A 108 -0.74 -5.38 0.57
CA GLY A 108 0.35 -5.80 -0.29
C GLY A 108 1.50 -4.86 -0.51
N SER A 109 1.97 -4.24 0.54
CA SER A 109 2.95 -3.28 0.45
C SER A 109 4.29 -3.83 0.81
N SER A 110 5.23 -3.69 -0.06
CA SER A 110 6.59 -4.08 0.31
C SER A 110 7.62 -3.19 -0.38
N SER A 111 8.85 -3.16 0.05
CA SER A 111 9.86 -2.45 -0.71
C SER A 111 10.30 -3.04 -1.97
N PHE A 112 10.21 -2.29 -3.05
CA PHE A 112 10.77 -2.80 -4.27
C PHE A 112 12.27 -2.54 -4.40
N ARG A 113 13.12 -3.56 -4.49
CA ARG A 113 14.52 -3.12 -4.76
C ARG A 113 15.51 -3.90 -5.45
N TYR A 114 16.79 -3.49 -5.37
CA TYR A 114 17.84 -4.13 -6.10
C TYR A 114 18.47 -5.06 -5.13
N ALA A 115 19.10 -6.12 -5.67
CA ALA A 115 19.81 -7.05 -4.90
C ALA A 115 20.93 -7.73 -5.75
N ALA A 116 22.08 -8.12 -5.16
CA ALA A 116 23.12 -8.90 -5.89
C ALA A 116 23.85 -9.87 -4.95
N PRO A 117 24.71 -10.68 -5.48
CA PRO A 117 25.29 -11.70 -4.59
C PRO A 117 25.87 -11.14 -3.28
N ALA A 118 25.55 -11.74 -2.12
CA ALA A 118 26.08 -11.37 -0.76
C ALA A 118 27.60 -11.29 -0.68
N GLY A 119 28.31 -11.59 -1.75
CA GLY A 119 29.72 -11.12 -1.73
C GLY A 119 30.10 -9.71 -1.09
N ARG A 120 29.85 -8.63 -1.82
CA ARG A 120 30.24 -7.28 -1.46
C ARG A 120 29.24 -6.30 -0.78
N ASN A 121 29.72 -5.07 -0.70
CA ASN A 121 28.82 -4.02 -0.37
C ASN A 121 28.53 -3.21 -1.60
N TRP A 122 27.49 -3.61 -2.31
CA TRP A 122 26.96 -2.91 -3.47
C TRP A 122 26.45 -1.46 -3.28
N THR A 123 26.46 -0.78 -4.41
CA THR A 123 25.97 0.58 -4.54
C THR A 123 25.17 0.72 -5.80
N THR A 124 24.31 1.70 -5.82
CA THR A 124 23.71 1.80 -7.08
C THR A 124 24.74 2.05 -8.18
N ALA A 125 25.85 2.62 -7.82
CA ALA A 125 26.96 2.77 -8.76
C ALA A 125 27.44 1.47 -9.44
N ASP A 126 27.37 0.33 -8.74
CA ASP A 126 27.90 -0.90 -9.27
C ASP A 126 27.06 -1.46 -10.37
N LEU A 127 25.96 -0.81 -10.69
CA LEU A 127 25.03 -1.29 -11.68
C LEU A 127 25.50 -1.00 -13.09
N ALA A 128 26.31 0.01 -13.26
CA ALA A 128 26.87 0.33 -14.61
C ALA A 128 27.39 -0.89 -15.48
N GLY A 129 26.70 -1.06 -16.63
CA GLY A 129 26.90 -2.16 -17.58
C GLY A 129 26.59 -3.62 -17.19
N MET A 130 25.91 -3.77 -16.02
CA MET A 130 25.41 -5.06 -15.54
C MET A 130 24.07 -5.52 -16.29
N ARG A 131 23.73 -6.80 -16.16
CA ARG A 131 22.47 -7.09 -16.65
C ARG A 131 21.69 -7.23 -15.40
N ILE A 132 20.53 -6.65 -15.38
CA ILE A 132 19.54 -6.63 -14.24
C ILE A 132 18.26 -7.32 -14.68
N ALA A 133 17.82 -8.28 -13.87
CA ALA A 133 16.68 -9.10 -14.27
C ALA A 133 15.66 -8.65 -13.36
N THR A 134 14.48 -8.42 -13.87
CA THR A 134 13.44 -7.94 -13.13
C THR A 134 12.24 -8.21 -13.87
N ALA A 135 11.13 -8.25 -13.11
CA ALA A 135 9.75 -8.35 -13.72
C ALA A 135 9.22 -6.95 -14.14
N TYR A 136 9.80 -5.84 -13.58
CA TYR A 136 9.39 -4.53 -13.93
C TYR A 136 10.49 -3.73 -14.58
N PRO A 137 10.69 -4.10 -15.83
CA PRO A 137 11.82 -3.51 -16.63
C PRO A 137 11.69 -1.97 -16.77
N ASN A 138 10.54 -1.41 -17.16
CA ASN A 138 10.40 0.05 -17.28
C ASN A 138 10.63 0.84 -15.96
N LEU A 139 10.14 0.27 -14.89
CA LEU A 139 10.34 0.87 -13.63
C LEU A 139 11.88 0.96 -13.40
N VAL A 140 12.60 -0.14 -13.46
CA VAL A 140 14.12 -0.13 -13.39
C VAL A 140 14.83 0.83 -14.30
N ARG A 141 14.37 0.85 -15.54
CA ARG A 141 14.92 1.79 -16.45
C ARG A 141 14.67 3.29 -16.14
N LYS A 142 13.44 3.74 -15.86
CA LYS A 142 13.31 5.10 -15.45
C LYS A 142 14.25 5.43 -14.30
N ASP A 143 14.44 4.52 -13.36
CA ASP A 143 15.20 4.79 -12.18
C ASP A 143 16.60 4.93 -12.60
N LEU A 144 17.08 3.99 -13.41
CA LEU A 144 18.45 4.14 -13.80
C LEU A 144 18.82 5.52 -14.55
N ALA A 145 17.91 6.00 -15.40
CA ALA A 145 18.12 7.11 -16.20
C ALA A 145 18.22 8.29 -15.26
N THR A 146 17.45 8.14 -14.27
CA THR A 146 17.39 9.13 -13.23
C THR A 146 18.71 9.26 -12.41
N LYS A 147 19.45 8.13 -12.33
CA LYS A 147 20.63 8.16 -11.51
C LYS A 147 21.86 8.29 -12.35
N GLY A 148 21.71 8.37 -13.67
CA GLY A 148 22.81 8.53 -14.58
C GLY A 148 23.51 7.23 -14.95
N ILE A 149 22.87 6.09 -14.92
CA ILE A 149 23.61 4.91 -15.23
C ILE A 149 23.03 4.12 -16.35
N GLU A 150 23.90 3.43 -16.98
CA GLU A 150 23.39 2.56 -18.01
C GLU A 150 23.80 1.16 -17.76
N ALA A 151 22.83 0.32 -18.02
CA ALA A 151 22.94 -1.07 -17.78
C ALA A 151 21.96 -1.83 -18.70
N THR A 152 22.03 -3.14 -18.64
CA THR A 152 21.26 -3.89 -19.51
C THR A 152 20.03 -4.50 -18.75
N VAL A 153 18.79 -4.07 -19.13
CA VAL A 153 17.60 -4.59 -18.41
C VAL A 153 16.89 -5.76 -19.10
N ILE A 154 16.77 -6.85 -18.36
CA ILE A 154 16.15 -8.02 -18.97
C ILE A 154 14.86 -8.34 -18.28
N ARG A 155 13.86 -8.71 -19.07
CA ARG A 155 12.54 -8.98 -18.63
C ARG A 155 12.31 -10.43 -18.35
N LEU A 156 11.63 -10.75 -17.26
CA LEU A 156 11.42 -12.10 -16.83
C LEU A 156 10.04 -12.01 -16.28
N ASP A 157 9.44 -13.12 -16.06
CA ASP A 157 8.03 -12.99 -15.82
C ASP A 157 7.79 -13.20 -14.35
N GLY A 158 8.88 -13.53 -13.59
CA GLY A 158 8.93 -14.02 -12.23
C GLY A 158 10.17 -14.83 -11.98
N ALA A 159 10.31 -15.36 -10.78
CA ALA A 159 11.42 -16.15 -10.39
C ALA A 159 12.79 -15.53 -10.62
N VAL A 160 12.78 -14.18 -10.58
CA VAL A 160 13.99 -13.37 -10.78
C VAL A 160 15.14 -13.67 -9.89
N GLU A 161 14.90 -14.07 -8.68
CA GLU A 161 16.05 -14.36 -7.81
C GLU A 161 16.86 -15.49 -8.25
N ILE A 162 16.44 -16.17 -9.34
CA ILE A 162 17.33 -17.22 -9.89
C ILE A 162 18.25 -16.79 -11.11
N SER A 163 18.18 -15.53 -11.53
CA SER A 163 18.72 -15.27 -12.82
C SER A 163 20.21 -15.13 -12.63
N VAL A 164 20.58 -14.86 -11.40
CA VAL A 164 21.94 -14.73 -11.22
C VAL A 164 22.52 -16.16 -11.26
N GLN A 165 22.02 -17.14 -10.56
CA GLN A 165 22.70 -18.46 -10.74
C GLN A 165 22.45 -19.13 -12.10
N LEU A 166 21.43 -18.75 -12.83
CA LEU A 166 21.30 -19.47 -14.09
C LEU A 166 22.29 -18.89 -15.10
N GLY A 167 22.74 -17.68 -14.80
CA GLY A 167 23.84 -16.95 -15.36
C GLY A 167 23.28 -16.05 -16.38
N VAL A 168 22.24 -15.34 -16.16
CA VAL A 168 21.53 -14.63 -17.21
C VAL A 168 21.62 -13.18 -16.90
N ALA A 169 21.90 -12.91 -15.62
CA ALA A 169 21.98 -11.60 -15.05
C ALA A 169 23.10 -11.44 -13.99
N ASP A 170 23.33 -10.24 -13.52
CA ASP A 170 24.37 -10.04 -12.52
C ASP A 170 23.73 -9.48 -11.32
N ALA A 171 22.53 -8.94 -11.49
CA ALA A 171 21.86 -8.49 -10.31
C ALA A 171 20.45 -8.53 -10.67
N ILE A 172 19.61 -8.40 -9.63
CA ILE A 172 18.15 -8.36 -9.76
C ILE A 172 17.44 -7.19 -9.20
N ALA A 173 16.21 -7.14 -9.59
CA ALA A 173 15.36 -6.10 -8.96
C ALA A 173 13.93 -6.66 -8.77
N ASP A 174 13.45 -6.62 -7.53
CA ASP A 174 12.19 -7.21 -7.30
C ASP A 174 11.60 -6.70 -5.98
N VAL A 175 10.36 -7.13 -5.68
CA VAL A 175 9.90 -6.80 -4.34
C VAL A 175 10.55 -7.73 -3.31
N VAL A 176 11.09 -7.19 -2.28
CA VAL A 176 11.71 -8.04 -1.28
C VAL A 176 10.62 -8.19 -0.34
N GLY A 177 10.05 -9.37 -0.19
CA GLY A 177 8.91 -9.47 0.71
C GLY A 177 9.33 -9.87 2.10
N SER A 178 9.18 -11.16 2.41
CA SER A 178 9.76 -11.71 3.67
C SER A 178 11.28 -11.69 3.71
N GLY A 179 11.94 -11.40 2.56
CA GLY A 179 13.35 -11.61 2.31
C GLY A 179 13.91 -13.07 2.15
N ARG A 180 13.10 -14.06 2.58
CA ARG A 180 13.55 -15.49 2.62
C ARG A 180 14.05 -15.87 1.25
N THR A 181 13.21 -15.74 0.24
CA THR A 181 13.66 -16.09 -1.04
C THR A 181 14.99 -15.45 -1.40
N LEU A 182 15.21 -14.16 -1.02
CA LEU A 182 16.50 -13.54 -1.32
C LEU A 182 17.64 -14.31 -0.71
N SER A 183 17.55 -14.52 0.57
CA SER A 183 18.71 -15.08 1.19
C SER A 183 18.90 -16.51 0.84
N GLN A 184 17.81 -17.11 0.46
CA GLN A 184 17.99 -18.41 0.08
C GLN A 184 18.76 -18.49 -1.23
N HIS A 185 18.93 -17.37 -1.95
CA HIS A 185 19.73 -17.31 -3.20
C HIS A 185 21.02 -16.45 -2.99
N ASP A 186 21.32 -16.30 -1.71
CA ASP A 186 22.42 -15.48 -1.37
C ASP A 186 22.45 -14.15 -2.10
N LEU A 187 21.29 -13.62 -2.42
CA LEU A 187 21.20 -12.22 -2.86
C LEU A 187 21.08 -11.31 -1.65
N VAL A 188 21.57 -10.09 -1.69
CA VAL A 188 21.26 -9.11 -0.59
C VAL A 188 20.65 -7.84 -1.26
N ALA A 189 19.65 -7.23 -0.64
CA ALA A 189 19.18 -5.95 -1.10
C ALA A 189 20.18 -4.76 -0.77
N PHE A 190 20.07 -3.67 -1.49
CA PHE A 190 20.98 -2.67 -1.25
C PHE A 190 20.34 -1.56 -2.06
N GLY A 191 20.32 -0.33 -1.46
CA GLY A 191 19.80 0.94 -2.01
C GLY A 191 18.46 1.37 -1.42
N GLU A 192 17.96 2.56 -1.74
CA GLU A 192 16.69 3.06 -1.21
C GLU A 192 15.58 2.30 -2.00
N PRO A 193 14.40 2.02 -1.46
CA PRO A 193 13.40 1.33 -2.28
C PRO A 193 13.01 2.10 -3.52
N LEU A 194 13.07 1.49 -4.66
CA LEU A 194 12.60 2.08 -5.90
C LEU A 194 11.06 2.35 -6.02
N CYS A 195 10.25 1.64 -5.20
CA CYS A 195 8.85 1.82 -5.17
C CYS A 195 8.41 1.02 -3.94
N ASP A 196 7.16 1.16 -3.57
CA ASP A 196 6.62 0.52 -2.49
C ASP A 196 5.37 -0.08 -3.20
N SER A 197 5.25 -1.41 -3.30
CA SER A 197 4.20 -2.17 -4.04
C SER A 197 2.76 -2.07 -3.53
N GLU A 198 2.47 -1.16 -2.62
CA GLU A 198 1.12 -1.10 -2.06
C GLU A 198 -0.10 -1.10 -3.01
N ALA A 199 -1.15 -1.93 -2.68
CA ALA A 199 -2.38 -1.88 -3.49
C ALA A 199 -2.78 -0.42 -3.37
N VAL A 200 -3.37 0.07 -4.49
CA VAL A 200 -3.70 1.42 -4.75
C VAL A 200 -4.94 1.55 -5.60
N LEU A 201 -5.67 2.60 -5.39
CA LEU A 201 -6.90 2.74 -6.11
C LEU A 201 -6.64 3.72 -7.16
N ILE A 202 -6.61 3.38 -8.42
CA ILE A 202 -6.14 4.48 -9.31
C ILE A 202 -7.23 5.17 -10.11
N GLU A 203 -7.00 6.35 -10.58
CA GLU A 203 -7.87 6.94 -11.64
C GLU A 203 -7.05 7.48 -12.80
N ARG A 204 -7.77 7.80 -13.87
CA ARG A 204 -7.16 8.39 -15.10
C ARG A 204 -6.49 9.67 -14.83
N GLU A 214 -18.82 13.23 -8.70
CA GLU A 214 -19.63 13.10 -7.45
C GLU A 214 -19.97 11.64 -7.02
N ALA A 215 -20.37 10.85 -7.99
CA ALA A 215 -20.56 9.48 -7.75
C ALA A 215 -19.12 8.89 -7.69
N ARG A 216 -18.18 9.70 -8.10
CA ARG A 216 -16.88 9.24 -7.94
C ARG A 216 -16.37 9.63 -6.46
N ASP A 217 -16.93 10.64 -5.82
CA ASP A 217 -16.40 10.90 -4.55
C ASP A 217 -17.06 9.97 -3.61
N GLN A 218 -18.25 9.61 -3.94
CA GLN A 218 -18.87 8.72 -3.06
C GLN A 218 -18.16 7.40 -3.09
N LEU A 219 -17.72 6.94 -4.25
CA LEU A 219 -16.96 5.72 -4.24
C LEU A 219 -15.66 5.82 -3.50
N VAL A 220 -14.95 6.91 -3.61
CA VAL A 220 -13.71 7.07 -3.00
C VAL A 220 -13.91 7.07 -1.52
N ALA A 221 -14.98 7.66 -1.06
CA ALA A 221 -15.05 7.84 0.40
C ALA A 221 -15.44 6.49 1.03
N ARG A 222 -16.27 5.87 0.26
CA ARG A 222 -16.80 4.61 0.64
C ARG A 222 -15.48 3.75 0.80
N VAL A 223 -14.62 3.81 -0.20
CA VAL A 223 -13.46 2.90 -0.08
C VAL A 223 -12.55 3.29 1.04
N GLN A 224 -12.46 4.53 1.30
CA GLN A 224 -11.55 5.07 2.25
C GLN A 224 -12.01 4.79 3.64
N GLY A 225 -13.27 4.95 3.86
CA GLY A 225 -13.77 4.56 5.14
C GLY A 225 -13.48 3.15 5.53
N VAL A 226 -13.40 2.21 4.58
CA VAL A 226 -13.02 0.84 4.75
C VAL A 226 -11.58 0.73 5.06
N VAL A 227 -10.70 1.26 4.27
CA VAL A 227 -9.33 1.32 4.73
C VAL A 227 -8.93 1.93 6.17
N PHE A 228 -9.48 3.09 6.54
CA PHE A 228 -9.11 3.78 7.72
C PHE A 228 -9.55 2.85 8.88
N GLY A 229 -10.76 2.28 8.73
CA GLY A 229 -11.29 1.24 9.66
C GLY A 229 -10.39 0.04 9.72
N GLN A 230 -9.69 -0.28 8.63
CA GLN A 230 -8.70 -1.31 8.80
C GLN A 230 -7.31 -0.87 9.27
N GLN A 231 -6.98 0.41 9.30
CA GLN A 231 -5.61 0.72 9.62
C GLN A 231 -5.37 1.42 10.89
N TYR A 232 -6.43 1.86 11.50
CA TYR A 232 -6.40 2.67 12.74
C TYR A 232 -7.30 2.01 13.69
N LEU A 233 -7.01 2.25 14.98
CA LEU A 233 -7.91 1.93 16.12
C LEU A 233 -8.27 3.19 16.90
N MET A 234 -9.22 3.10 17.79
CA MET A 234 -9.52 4.23 18.63
C MET A 234 -8.71 4.02 19.95
N LEU A 235 -8.03 5.10 20.37
CA LEU A 235 -7.48 5.19 21.65
C LEU A 235 -8.27 6.22 22.44
N ASP A 236 -8.65 5.84 23.62
CA ASP A 236 -9.33 6.68 24.55
C ASP A 236 -8.37 6.72 25.75
N TYR A 237 -7.88 7.90 26.13
CA TYR A 237 -7.08 7.95 27.34
C TYR A 237 -7.24 9.15 28.17
N ASP A 238 -6.85 9.02 29.40
CA ASP A 238 -6.99 10.18 30.29
C ASP A 238 -5.53 10.82 30.40
N CYS A 239 -5.38 12.10 30.03
CA CYS A 239 -4.08 12.71 29.95
C CYS A 239 -4.05 13.93 30.83
N PRO A 240 -2.93 14.12 31.48
CA PRO A 240 -2.84 15.20 32.38
C PRO A 240 -2.68 16.47 31.59
N ARG A 241 -3.35 17.50 32.07
CA ARG A 241 -3.36 18.78 31.43
C ARG A 241 -2.01 19.30 30.99
N SER A 242 -0.94 19.01 31.72
CA SER A 242 0.29 19.70 31.38
C SER A 242 0.95 18.86 30.31
N ALA A 243 0.45 17.67 30.04
CA ALA A 243 1.08 16.88 29.02
C ALA A 243 0.26 16.92 27.66
N LEU A 244 -0.81 17.68 27.69
CA LEU A 244 -1.76 17.87 26.60
C LEU A 244 -1.03 18.02 25.27
N LYS A 245 -0.01 18.85 25.30
CA LYS A 245 0.75 19.18 24.13
C LYS A 245 1.48 17.99 23.54
N LYS A 246 2.31 17.34 24.36
CA LYS A 246 2.95 16.07 24.10
C LYS A 246 2.01 15.05 23.72
N ALA A 247 0.92 14.97 24.44
CA ALA A 247 -0.06 13.91 24.10
C ALA A 247 -0.59 13.98 22.68
N THR A 248 -0.75 15.20 22.25
CA THR A 248 -1.34 15.34 20.99
C THR A 248 -0.31 15.29 19.89
N ALA A 249 0.97 15.54 20.17
CA ALA A 249 1.93 15.14 19.13
C ALA A 249 2.05 13.50 19.13
N ILE A 250 1.61 12.81 20.16
CA ILE A 250 1.85 11.41 20.15
C ILE A 250 0.69 10.85 19.37
N THR A 251 -0.51 11.41 19.56
CA THR A 251 -1.67 11.03 18.79
C THR A 251 -2.35 12.31 18.22
N PRO A 252 -1.94 12.72 16.99
CA PRO A 252 -2.64 13.78 16.20
C PRO A 252 -3.96 13.21 15.65
N GLY A 253 -4.13 11.89 15.59
CA GLY A 253 -5.35 11.42 15.03
C GLY A 253 -5.38 11.87 13.59
N LEU A 254 -6.33 11.43 12.81
CA LEU A 254 -6.53 11.74 11.48
C LEU A 254 -7.21 13.10 11.53
N SER A 256 -8.56 15.73 13.47
CA SER A 256 -9.28 16.40 14.63
C SER A 256 -9.54 15.65 15.95
N PRO A 257 -8.53 15.28 16.69
CA PRO A 257 -8.73 14.61 17.99
C PRO A 257 -9.70 15.18 18.93
N THR A 258 -10.35 14.36 19.68
CA THR A 258 -11.24 14.93 20.56
C THR A 258 -10.66 15.30 21.96
N ILE A 259 -10.99 16.43 22.54
CA ILE A 259 -10.46 16.79 23.86
C ILE A 259 -11.52 17.21 24.75
N ALA A 260 -11.76 16.48 25.77
CA ALA A 260 -12.88 16.81 26.65
C ALA A 260 -12.35 17.02 28.04
N PRO A 261 -12.34 18.27 28.43
CA PRO A 261 -11.84 18.63 29.77
C PRO A 261 -12.73 17.99 30.82
N LEU A 262 -12.11 17.36 31.82
CA LEU A 262 -12.65 16.65 32.94
C LEU A 262 -12.84 17.56 34.15
N ALA A 263 -13.65 17.13 35.13
CA ALA A 263 -14.06 18.15 36.08
C ALA A 263 -12.83 18.66 36.77
N ASP A 264 -11.84 17.78 36.87
CA ASP A 264 -10.54 18.13 37.39
C ASP A 264 -9.74 18.90 36.35
N PRO A 265 -9.49 20.13 36.68
CA PRO A 265 -8.83 21.00 35.75
C PRO A 265 -7.48 20.40 35.44
N ASP A 266 -7.00 19.46 36.22
CA ASP A 266 -5.69 19.02 35.90
C ASP A 266 -5.75 17.89 34.89
N TRP A 267 -6.95 17.50 34.44
CA TRP A 267 -7.12 16.41 33.46
C TRP A 267 -8.09 16.68 32.26
N VAL A 268 -7.90 15.94 31.19
CA VAL A 268 -8.61 16.22 30.01
C VAL A 268 -8.70 14.81 29.38
N ALA A 269 -9.86 14.36 28.86
CA ALA A 269 -10.07 13.01 28.26
C ALA A 269 -9.71 13.21 26.81
N ILE A 270 -8.90 12.33 26.25
CA ILE A 270 -8.62 12.44 24.84
C ILE A 270 -9.02 11.20 24.11
N ARG A 271 -9.59 11.39 22.93
CA ARG A 271 -10.00 10.30 22.00
C ARG A 271 -9.40 10.50 20.64
N ALA A 272 -8.44 9.67 20.23
CA ALA A 272 -7.86 9.74 18.86
C ALA A 272 -7.68 8.41 18.07
N LEU A 273 -7.95 8.48 16.78
CA LEU A 273 -7.47 7.40 15.97
C LEU A 273 -5.93 7.39 15.89
N VAL A 274 -5.35 6.19 15.97
CA VAL A 274 -3.88 6.00 15.87
C VAL A 274 -3.66 4.81 14.97
N PRO A 275 -2.55 4.81 14.30
CA PRO A 275 -2.24 3.67 13.44
C PRO A 275 -2.09 2.32 14.17
N ARG A 276 -2.63 1.26 13.59
CA ARG A 276 -2.60 -0.07 14.19
C ARG A 276 -1.23 -0.70 14.18
N ARG A 277 -0.38 -0.44 13.19
CA ARG A 277 0.83 -1.17 13.37
C ARG A 277 1.65 -0.57 14.51
N ASP A 278 1.39 0.56 15.01
CA ASP A 278 2.31 0.78 16.03
C ASP A 278 1.66 1.31 17.27
N VAL A 279 0.51 0.68 17.66
CA VAL A 279 -0.40 1.09 18.74
C VAL A 279 0.24 0.81 20.11
N ASN A 280 0.92 -0.34 20.27
CA ASN A 280 1.60 -0.56 21.50
C ASN A 280 2.70 0.47 21.85
N GLY A 281 3.52 0.88 20.88
CA GLY A 281 4.60 1.81 21.18
C GLY A 281 3.95 3.11 21.59
N ILE A 282 2.96 3.50 20.80
CA ILE A 282 2.23 4.65 21.15
C ILE A 282 1.64 4.54 22.59
N MET A 283 1.06 3.42 22.95
CA MET A 283 0.47 3.33 24.26
C MET A 283 1.61 3.51 25.25
N ASP A 284 2.76 2.99 24.95
CA ASP A 284 3.85 3.05 25.89
C ASP A 284 4.26 4.57 26.06
N GLU A 285 4.24 5.33 24.96
CA GLU A 285 4.60 6.71 25.02
C GLU A 285 3.70 7.52 25.97
N LEU A 286 2.40 7.29 25.85
CA LEU A 286 1.43 7.88 26.68
C LEU A 286 1.70 7.61 28.15
N ALA A 287 1.91 6.35 28.44
CA ALA A 287 2.19 5.98 29.80
C ALA A 287 3.45 6.75 30.32
N ALA A 288 4.39 7.02 29.49
CA ALA A 288 5.64 7.56 29.96
C ALA A 288 5.43 9.03 30.25
N ILE A 289 4.34 9.57 29.70
CA ILE A 289 4.11 10.92 30.07
C ILE A 289 2.95 11.07 31.08
N GLY A 290 2.48 10.02 31.84
CA GLY A 290 1.41 10.20 32.80
C GLY A 290 0.03 9.92 32.31
N ALA A 291 -0.22 9.49 31.03
CA ALA A 291 -1.53 9.08 30.64
C ALA A 291 -1.98 7.89 31.46
N LYS A 292 -3.30 7.86 31.71
CA LYS A 292 -3.93 6.83 32.50
C LYS A 292 -5.20 6.28 31.75
N ALA A 293 -5.79 5.26 32.33
CA ALA A 293 -6.81 4.46 31.73
C ALA A 293 -6.77 4.36 30.18
N ILE A 294 -5.62 3.98 29.65
CA ILE A 294 -5.39 3.86 28.17
C ILE A 294 -6.05 2.63 27.60
N LEU A 295 -6.98 2.87 26.69
CA LEU A 295 -7.84 1.89 26.16
C LEU A 295 -7.82 1.91 24.61
N ALA A 296 -7.43 0.85 23.92
CA ALA A 296 -7.37 0.84 22.45
C ALA A 296 -8.60 0.00 22.04
N SER A 297 -9.39 0.48 21.03
CA SER A 297 -10.45 -0.28 20.49
C SER A 297 -10.60 -0.22 18.97
N ASP A 298 -10.92 -1.29 18.32
CA ASP A 298 -11.33 -1.28 16.91
C ASP A 298 -12.46 -0.41 16.49
N ILE A 299 -12.42 -0.05 15.22
CA ILE A 299 -13.47 0.60 14.52
C ILE A 299 -13.54 -0.20 13.16
N ARG A 300 -14.71 -0.06 12.54
CA ARG A 300 -15.15 -0.55 11.22
C ARG A 300 -15.13 0.52 10.17
N PHE A 301 -15.94 1.59 10.23
CA PHE A 301 -15.65 2.55 9.14
C PHE A 301 -15.61 3.96 9.62
N CYS A 302 -15.22 4.85 8.77
CA CYS A 302 -15.20 6.26 9.14
C CYS A 302 -15.78 6.90 8.01
N ARG A 303 -16.54 7.90 8.19
CA ARG A 303 -17.00 8.69 7.06
C ARG A 303 -16.82 10.11 7.44
N PHE A 304 -15.64 10.58 7.22
CA PHE A 304 -15.60 11.97 7.49
C PHE A 304 -15.10 13.05 6.77
S SO4 B . -14.30 -13.05 -5.00
O1 SO4 B . -14.38 -14.14 -6.03
O2 SO4 B . -14.71 -11.87 -5.73
O3 SO4 B . -13.03 -12.73 -4.40
O4 SO4 B . -15.27 -13.18 -3.87
S SO4 C . -25.30 -0.08 1.07
O1 SO4 C . -25.93 -1.30 1.45
O2 SO4 C . -25.09 0.81 2.13
O3 SO4 C . -26.22 0.39 0.13
O4 SO4 C . -24.33 -0.13 0.01
S SO4 D . 7.18 -15.59 -8.72
O1 SO4 D . 7.63 -16.55 -9.63
O2 SO4 D . 6.86 -14.39 -9.36
O3 SO4 D . 8.15 -15.09 -7.87
O4 SO4 D . 6.27 -16.07 -7.84
S SO4 E . -16.68 -2.86 19.74
O1 SO4 E . -16.49 -2.29 18.39
O2 SO4 E . -18.09 -2.90 20.04
O3 SO4 E . -15.95 -2.05 20.73
O4 SO4 E . -16.24 -4.24 19.78
S SO4 F . -9.17 11.59 15.00
O1 SO4 F . -8.98 10.26 14.63
O2 SO4 F . -10.61 11.66 15.37
O3 SO4 F . -9.02 12.42 13.84
O4 SO4 F . -8.33 12.05 16.10
MG MG G . -13.74 10.62 16.79
#